data_3HLZ
#
_entry.id   3HLZ
#
_cell.length_a   31.210
_cell.length_b   62.087
_cell.length_c   68.555
_cell.angle_alpha   90.390
_cell.angle_beta   91.500
_cell.angle_gamma   97.340
#
_symmetry.space_group_name_H-M   'P 1'
#
loop_
_entity.id
_entity.type
_entity.pdbx_description
1 polymer 'uncharacterized protein BT_1490'
2 non-polymer GLYCEROL
3 non-polymer 'ACETATE ION'
4 non-polymer 'CALCIUM ION'
5 water water
#
_entity_poly.entity_id   1
_entity_poly.type   'polypeptide(L)'
_entity_poly.pdbx_seq_one_letter_code
;G(MSE)QGKKFISPGAWFS(MSE)NYPSDWNEFEDGEGSFLFYNPDVWTGNFRISAFKGNASYGKDAIRQELKENDSASL
VKIGTWDCAYSKE(MSE)FQEEGTYYTSHLWITGTGNIAFECSFTVPKGGSAKEAEEVIATLEARKEGEKYPAELIPVRL
SEIYQINEGYEWVVSTVKQELKKDFQGVEEDLEKIQQVIDSGKISPKKKDEWLAIGITVCAILTNEVEG(MSE)EWKTLI
DGNREVPVLEYQGRTIDP(MSE)KIAWSKVKAGQPCNIAEAYQSAIDHH
;
_entity_poly.pdbx_strand_id   A,B
#
# COMPACT_ATOMS: atom_id res chain seq x y z
N GLN A 3 13.94 -14.57 19.60
CA GLN A 3 13.38 -14.06 18.34
C GLN A 3 12.01 -13.40 18.54
N GLY A 4 11.32 -13.74 19.63
CA GLY A 4 10.01 -13.17 19.91
C GLY A 4 8.87 -13.84 19.14
N LYS A 5 7.81 -13.06 18.91
CA LYS A 5 6.63 -13.54 18.21
C LYS A 5 6.53 -12.77 16.90
N LYS A 6 6.20 -13.47 15.81
CA LYS A 6 5.97 -12.84 14.52
C LYS A 6 4.53 -12.34 14.37
N PHE A 7 4.38 -11.14 13.82
CA PHE A 7 3.08 -10.61 13.46
C PHE A 7 3.16 -10.30 11.96
N ILE A 8 2.15 -10.73 11.23
CA ILE A 8 1.93 -10.34 9.87
C ILE A 8 0.57 -9.61 9.82
N SER A 9 0.56 -8.44 9.22
CA SER A 9 -0.63 -7.59 9.22
C SER A 9 -1.71 -8.10 8.22
N PRO A 10 -2.94 -7.59 8.32
CA PRO A 10 -3.99 -7.89 7.34
C PRO A 10 -3.59 -7.51 5.94
N GLY A 11 -3.77 -8.42 4.99
CA GLY A 11 -3.30 -8.23 3.63
C GLY A 11 -1.80 -8.43 3.52
N ALA A 12 -1.18 -8.83 4.64
CA ALA A 12 0.26 -9.02 4.69
C ALA A 12 1.01 -7.81 4.15
N TRP A 13 0.54 -6.62 4.50
CA TRP A 13 1.27 -5.39 4.14
C TRP A 13 2.62 -5.33 4.82
N PHE A 14 2.67 -5.79 6.08
CA PHE A 14 3.89 -5.75 6.85
C PHE A 14 4.01 -6.88 7.80
N SER A 15 5.26 -7.11 8.23
CA SER A 15 5.56 -8.11 9.26
C SER A 15 6.57 -7.52 10.24
N ASN A 17 8.65 -8.62 14.34
CA ASN A 17 8.74 -9.46 15.53
C ASN A 17 8.72 -8.64 16.78
N TYR A 18 8.06 -9.14 17.79
CA TYR A 18 7.88 -8.40 19.03
C TYR A 18 8.11 -9.32 20.24
N PRO A 19 8.39 -8.72 21.41
CA PRO A 19 8.72 -9.58 22.55
C PRO A 19 7.69 -10.63 22.93
N SER A 20 8.14 -11.84 23.23
CA SER A 20 7.27 -12.94 23.59
C SER A 20 6.35 -12.68 24.79
N ASP A 21 6.80 -11.82 25.69
CA ASP A 21 6.02 -11.51 26.89
CA ASP A 21 6.03 -11.50 26.89
C ASP A 21 4.91 -10.49 26.62
N TRP A 22 4.90 -9.91 25.42
CA TRP A 22 3.79 -9.02 25.06
C TRP A 22 2.62 -9.84 24.52
N ASN A 23 1.41 -9.28 24.67
CA ASN A 23 0.20 -9.80 24.04
C ASN A 23 -0.43 -8.66 23.22
N GLU A 24 -1.29 -9.02 22.28
CA GLU A 24 -1.98 -8.07 21.39
C GLU A 24 -3.34 -7.75 22.00
N PHE A 25 -3.73 -6.48 21.91
CA PHE A 25 -5.00 -5.99 22.41
C PHE A 25 -5.69 -5.08 21.41
N GLU A 26 -6.98 -4.82 21.65
CA GLU A 26 -7.76 -4.04 20.66
C GLU A 26 -7.35 -2.57 20.64
N ASP A 27 -7.14 -2.02 19.44
CA ASP A 27 -6.75 -0.59 19.34
C ASP A 27 -7.63 0.18 18.34
N GLY A 28 -8.70 -0.43 17.87
CA GLY A 28 -9.50 0.18 16.81
C GLY A 28 -9.08 -0.18 15.39
N GLU A 29 -9.89 0.30 14.44
CA GLU A 29 -9.70 0.05 13.01
C GLU A 29 -8.32 0.49 12.57
N GLY A 30 -7.60 -0.41 11.93
CA GLY A 30 -6.33 -0.08 11.27
C GLY A 30 -5.09 0.08 12.11
N SER A 31 -5.21 -0.16 13.42
CA SER A 31 -4.11 -0.01 14.36
C SER A 31 -4.01 -1.29 15.19
N PHE A 32 -2.81 -1.54 15.69
CA PHE A 32 -2.52 -2.74 16.47
C PHE A 32 -1.73 -2.35 17.70
N LEU A 33 -2.13 -2.88 18.84
CA LEU A 33 -1.61 -2.56 20.17
C LEU A 33 -1.04 -3.83 20.84
N PHE A 34 0.14 -3.71 21.44
CA PHE A 34 0.82 -4.77 22.14
C PHE A 34 1.42 -4.27 23.40
N TYR A 35 1.33 -5.08 24.44
CA TYR A 35 1.98 -4.80 25.71
C TYR A 35 2.04 -6.02 26.59
N ASN A 36 2.87 -5.97 27.63
CA ASN A 36 2.95 -7.04 28.63
C ASN A 36 1.89 -6.83 29.69
N PRO A 37 0.91 -7.75 29.81
CA PRO A 37 -0.18 -7.55 30.77
C PRO A 37 0.19 -7.97 32.18
N ASP A 38 1.36 -8.58 32.34
CA ASP A 38 1.84 -9.03 33.65
C ASP A 38 2.67 -7.94 34.30
N VAL A 39 3.87 -7.68 33.82
CA VAL A 39 4.68 -6.55 34.27
C VAL A 39 4.85 -5.57 33.09
N TRP A 40 4.11 -4.48 33.16
CA TRP A 40 4.00 -3.57 32.03
C TRP A 40 5.30 -2.84 31.78
N THR A 41 5.66 -2.71 30.50
CA THR A 41 6.86 -2.03 30.14
C THR A 41 6.56 -0.96 29.07
N GLY A 42 5.29 -0.71 28.79
CA GLY A 42 4.90 0.28 27.79
C GLY A 42 3.93 -0.30 26.74
N ASN A 43 3.18 0.60 26.07
CA ASN A 43 2.23 0.26 25.05
C ASN A 43 2.77 0.56 23.66
N PHE A 44 2.98 -0.48 22.87
CA PHE A 44 3.45 -0.35 21.49
C PHE A 44 2.27 -0.38 20.53
N ARG A 45 2.20 0.60 19.62
CA ARG A 45 1.17 0.67 18.61
C ARG A 45 1.82 0.82 17.22
N ILE A 46 1.19 0.22 16.22
CA ILE A 46 1.62 0.43 14.84
C ILE A 46 0.39 0.47 13.98
N SER A 47 0.43 1.34 12.97
CA SER A 47 -0.61 1.42 11.98
CA SER A 47 -0.62 1.52 11.98
C SER A 47 0.07 1.71 10.64
N ALA A 48 -0.51 1.16 9.58
CA ALA A 48 0.01 1.39 8.24
C ALA A 48 -1.07 1.94 7.34
N PHE A 49 -0.63 2.67 6.30
CA PHE A 49 -1.53 3.34 5.37
CA PHE A 49 -1.56 3.21 5.34
C PHE A 49 -0.89 3.30 3.99
N LYS A 50 -1.68 3.00 2.96
CA LYS A 50 -1.21 3.06 1.57
C LYS A 50 -1.87 4.22 0.83
N GLY A 51 -1.09 4.88 -0.01
CA GLY A 51 -1.58 5.98 -0.79
C GLY A 51 -0.91 6.04 -2.14
N ASN A 52 -0.53 7.24 -2.56
CA ASN A 52 0.04 7.46 -3.87
C ASN A 52 1.49 6.98 -3.90
N ALA A 53 2.12 7.15 -5.04
CA ALA A 53 3.45 6.54 -5.28
C ALA A 53 4.53 7.07 -4.34
N SER A 54 4.39 8.31 -3.86
CA SER A 54 5.35 8.96 -2.95
C SER A 54 4.90 9.00 -1.47
N TYR A 55 3.87 8.24 -1.13
CA TYR A 55 3.23 8.39 0.16
C TYR A 55 4.18 8.17 1.35
N GLY A 56 5.04 7.18 1.28
CA GLY A 56 5.93 6.85 2.43
C GLY A 56 6.94 7.95 2.70
N LYS A 57 7.69 8.36 1.69
CA LYS A 57 8.68 9.43 1.87
C LYS A 57 7.96 10.78 2.21
N ASP A 58 6.81 11.01 1.57
CA ASP A 58 6.05 12.21 1.87
C ASP A 58 5.66 12.28 3.35
N ALA A 59 5.29 11.14 3.92
CA ALA A 59 4.88 11.07 5.34
C ALA A 59 6.04 11.43 6.29
N ILE A 60 7.23 10.91 5.98
CA ILE A 60 8.45 11.26 6.72
C ILE A 60 8.70 12.76 6.66
N ARG A 61 8.72 13.32 5.45
CA ARG A 61 9.03 14.74 5.31
C ARG A 61 7.96 15.56 5.96
N GLN A 62 6.69 15.14 5.88
CA GLN A 62 5.59 15.90 6.52
C GLN A 62 5.83 16.02 8.02
N GLU A 63 6.19 14.90 8.65
CA GLU A 63 6.45 14.90 10.10
C GLU A 63 7.62 15.81 10.46
N LEU A 64 8.72 15.72 9.70
CA LEU A 64 9.86 16.58 9.98
C LEU A 64 9.51 18.05 9.85
N LYS A 65 8.68 18.40 8.88
CA LYS A 65 8.27 19.76 8.64
C LYS A 65 7.36 20.30 9.73
N GLU A 66 6.33 19.53 10.08
CA GLU A 66 5.33 19.96 11.08
CA GLU A 66 5.34 19.99 11.06
C GLU A 66 5.82 19.91 12.51
N ASN A 67 6.78 19.06 12.81
CA ASN A 67 7.19 18.85 14.18
C ASN A 67 8.67 19.22 14.34
N ASP A 68 8.92 20.39 14.94
CA ASP A 68 10.25 20.90 15.05
C ASP A 68 11.06 20.04 16.02
N SER A 69 10.39 19.28 16.87
CA SER A 69 11.10 18.37 17.78
C SER A 69 11.36 16.98 17.19
N ALA A 70 10.95 16.75 15.94
CA ALA A 70 11.28 15.48 15.31
C ALA A 70 12.66 15.55 14.68
N SER A 71 13.41 14.45 14.78
CA SER A 71 14.59 14.33 13.96
C SER A 71 14.64 13.01 13.27
N LEU A 72 15.43 12.94 12.23
CA LEU A 72 15.51 11.76 11.38
C LEU A 72 16.51 10.81 12.00
N VAL A 73 16.05 9.60 12.32
CA VAL A 73 16.94 8.56 12.80
C VAL A 73 16.74 7.32 11.92
N LYS A 74 17.77 6.46 11.88
CA LYS A 74 17.75 5.25 11.11
C LYS A 74 17.62 4.04 12.04
N ILE A 75 16.61 3.21 11.83
CA ILE A 75 16.38 2.00 12.63
C ILE A 75 16.18 0.89 11.61
N GLY A 76 17.07 -0.08 11.63
CA GLY A 76 17.13 -1.09 10.57
C GLY A 76 17.24 -0.40 9.20
N THR A 77 16.30 -0.70 8.33
CA THR A 77 16.29 -0.11 6.99
C THR A 77 15.49 1.20 6.94
N TRP A 78 14.89 1.58 8.05
CA TRP A 78 13.88 2.65 8.10
C TRP A 78 14.49 3.98 8.46
N ASP A 79 14.22 5.00 7.65
CA ASP A 79 14.45 6.39 8.02
C ASP A 79 13.20 6.84 8.75
N CYS A 80 13.34 7.17 10.03
CA CYS A 80 12.22 7.49 10.91
C CYS A 80 12.28 8.94 11.37
N ALA A 81 11.15 9.64 11.29
CA ALA A 81 10.97 10.92 11.93
C ALA A 81 10.52 10.64 13.34
N TYR A 82 11.43 10.83 14.28
CA TYR A 82 11.28 10.40 15.65
C TYR A 82 11.14 11.57 16.58
N SER A 83 10.16 11.51 17.47
CA SER A 83 9.96 12.53 18.49
C SER A 83 9.40 11.90 19.75
N LYS A 84 9.42 12.67 20.82
CA LYS A 84 8.78 12.21 22.03
C LYS A 84 8.18 13.38 22.74
N GLU A 85 7.14 13.11 23.52
CA GLU A 85 6.51 14.15 24.31
CA GLU A 85 6.48 14.14 24.29
C GLU A 85 6.03 13.58 25.61
N PHE A 87 3.48 13.59 28.82
CA PHE A 87 2.16 13.98 29.23
C PHE A 87 1.81 13.36 30.57
N GLN A 88 0.70 13.84 31.11
CA GLN A 88 0.21 13.40 32.41
C GLN A 88 -1.23 12.96 32.21
N GLU A 89 -1.57 11.78 32.74
CA GLU A 89 -2.94 11.27 32.74
CA GLU A 89 -2.93 11.22 32.71
C GLU A 89 -3.17 10.59 34.08
N GLU A 90 -4.27 10.94 34.73
CA GLU A 90 -4.63 10.43 36.06
C GLU A 90 -3.53 10.69 37.10
N GLY A 91 -2.79 11.80 36.93
CA GLY A 91 -1.72 12.14 37.88
C GLY A 91 -0.37 11.50 37.62
N THR A 92 -0.30 10.65 36.62
CA THR A 92 0.93 9.93 36.36
C THR A 92 1.58 10.48 35.10
N TYR A 93 2.90 10.54 35.12
CA TYR A 93 3.65 11.04 33.98
C TYR A 93 4.17 9.94 33.08
N TYR A 94 3.93 10.15 31.80
CA TYR A 94 4.27 9.21 30.75
C TYR A 94 5.04 9.95 29.68
N THR A 95 5.76 9.18 28.86
CA THR A 95 6.38 9.68 27.65
C THR A 95 5.84 8.90 26.48
N SER A 96 5.37 9.63 25.47
CA SER A 96 4.92 9.07 24.20
CA SER A 96 4.93 9.05 24.21
C SER A 96 5.99 9.25 23.16
N HIS A 97 6.55 8.14 22.64
CA HIS A 97 7.53 8.12 21.54
C HIS A 97 6.79 7.86 20.26
N LEU A 98 7.19 8.55 19.20
CA LEU A 98 6.53 8.49 17.91
C LEU A 98 7.60 8.34 16.84
N TRP A 99 7.41 7.36 15.96
CA TRP A 99 8.25 7.17 14.77
C TRP A 99 7.36 7.12 13.56
N ILE A 100 7.59 7.99 12.60
CA ILE A 100 6.89 7.96 11.33
C ILE A 100 7.89 7.54 10.29
N THR A 101 7.57 6.50 9.54
CA THR A 101 8.42 6.06 8.47
C THR A 101 7.60 5.55 7.28
N GLY A 102 8.26 4.94 6.32
CA GLY A 102 7.56 4.58 5.11
C GLY A 102 8.55 4.29 4.00
N THR A 103 8.02 3.71 2.93
CA THR A 103 8.76 3.43 1.72
C THR A 103 7.78 3.27 0.60
N GLY A 104 8.10 3.76 -0.59
CA GLY A 104 7.16 3.65 -1.71
C GLY A 104 5.82 4.25 -1.35
N ASN A 105 4.76 3.46 -1.54
CA ASN A 105 3.40 3.91 -1.34
C ASN A 105 2.85 3.61 0.06
N ILE A 106 3.69 3.16 1.00
CA ILE A 106 3.20 2.77 2.35
C ILE A 106 3.89 3.58 3.42
N ALA A 107 3.10 4.13 4.36
CA ALA A 107 3.58 4.86 5.53
C ALA A 107 3.20 4.09 6.79
N PHE A 108 4.04 4.22 7.79
CA PHE A 108 3.82 3.66 9.11
C PHE A 108 3.83 4.75 10.16
N GLU A 109 3.00 4.59 11.20
CA GLU A 109 3.11 5.39 12.41
C GLU A 109 3.26 4.37 13.52
N CYS A 110 4.35 4.48 14.25
CA CYS A 110 4.62 3.60 15.39
CA CYS A 110 4.67 3.65 15.38
C CYS A 110 4.71 4.46 16.66
N SER A 111 4.19 3.97 17.76
CA SER A 111 4.36 4.71 18.99
C SER A 111 4.59 3.79 20.17
N PHE A 112 5.16 4.33 21.22
CA PHE A 112 5.44 3.57 22.41
C PHE A 112 5.23 4.53 23.58
N THR A 113 4.29 4.19 24.47
CA THR A 113 3.93 5.04 25.60
C THR A 113 4.39 4.30 26.83
N VAL A 114 5.20 4.98 27.63
CA VAL A 114 5.90 4.33 28.75
C VAL A 114 5.81 5.26 29.95
N PRO A 115 5.98 4.72 31.17
CA PRO A 115 6.14 5.63 32.30
C PRO A 115 7.36 6.49 32.12
N LYS A 116 7.30 7.72 32.60
CA LYS A 116 8.44 8.57 32.40
CA LYS A 116 8.42 8.64 32.53
C LYS A 116 9.70 7.89 32.97
N GLY A 117 10.75 7.95 32.18
CA GLY A 117 12.03 7.33 32.54
C GLY A 117 12.20 5.93 31.96
N GLY A 118 11.10 5.34 31.49
CA GLY A 118 11.16 3.97 30.97
C GLY A 118 11.92 3.84 29.67
N SER A 119 12.54 2.69 29.46
CA SER A 119 13.31 2.44 28.28
C SER A 119 12.41 2.31 27.07
N ALA A 120 12.81 2.89 25.94
CA ALA A 120 12.14 2.72 24.65
C ALA A 120 12.80 1.66 23.77
N LYS A 121 13.77 0.93 24.31
CA LYS A 121 14.58 0.04 23.47
C LYS A 121 13.78 -1.09 22.81
N GLU A 122 12.82 -1.68 23.52
CA GLU A 122 12.02 -2.72 22.89
C GLU A 122 11.33 -2.22 21.64
N ALA A 123 10.74 -1.03 21.70
CA ALA A 123 10.06 -0.49 20.55
C ALA A 123 11.02 -0.32 19.37
N GLU A 124 12.22 0.20 19.63
CA GLU A 124 13.21 0.36 18.56
CA GLU A 124 13.20 0.37 18.56
C GLU A 124 13.56 -0.99 17.96
N GLU A 125 13.65 -1.99 18.82
CA GLU A 125 13.97 -3.34 18.38
C GLU A 125 12.86 -3.91 17.50
N VAL A 126 11.61 -3.62 17.82
CA VAL A 126 10.51 -4.03 16.94
C VAL A 126 10.60 -3.36 15.58
N ILE A 127 10.82 -2.05 15.59
CA ILE A 127 10.86 -1.32 14.31
C ILE A 127 12.03 -1.82 13.43
N ALA A 128 13.16 -2.22 14.01
CA ALA A 128 14.27 -2.78 13.25
C ALA A 128 13.91 -4.08 12.52
N THR A 129 12.91 -4.80 13.02
CA THR A 129 12.43 -6.03 12.40
C THR A 129 11.32 -5.77 11.35
N LEU A 130 10.84 -4.54 11.27
CA LEU A 130 9.69 -4.23 10.43
C LEU A 130 10.03 -4.40 8.96
N GLU A 131 9.18 -5.10 8.21
CA GLU A 131 9.36 -5.24 6.76
C GLU A 131 8.05 -4.96 6.06
N ALA A 132 8.09 -4.26 4.92
CA ALA A 132 6.92 -4.02 4.08
C ALA A 132 7.04 -5.00 2.93
N ARG A 133 6.06 -5.86 2.76
CA ARG A 133 6.12 -6.84 1.67
C ARG A 133 5.95 -6.14 0.33
N LYS A 134 6.72 -6.57 -0.66
CA LYS A 134 6.62 -6.03 -2.01
C LYS A 134 5.55 -6.83 -2.74
N GLU A 135 4.53 -6.16 -3.28
CA GLU A 135 3.51 -6.88 -4.06
C GLU A 135 4.16 -7.39 -5.35
N GLY A 136 3.91 -8.65 -5.66
CA GLY A 136 4.64 -9.34 -6.73
C GLY A 136 5.75 -10.25 -6.22
N GLU A 137 6.11 -10.09 -4.94
CA GLU A 137 6.88 -11.10 -4.23
C GLU A 137 5.83 -12.00 -3.59
N LYS A 138 5.91 -13.30 -3.84
CA LYS A 138 5.06 -14.26 -3.13
C LYS A 138 5.84 -14.71 -1.91
N TYR A 139 5.13 -14.90 -0.81
CA TYR A 139 5.69 -15.28 0.49
C TYR A 139 5.08 -16.61 0.88
N PRO A 140 5.91 -17.58 1.28
CA PRO A 140 5.33 -18.91 1.52
C PRO A 140 4.37 -18.95 2.69
N ALA A 141 3.44 -19.91 2.66
CA ALA A 141 2.46 -20.04 3.72
C ALA A 141 3.21 -20.17 5.04
N GLU A 142 2.65 -19.58 6.10
CA GLU A 142 3.26 -19.73 7.41
C GLU A 142 2.27 -19.59 8.51
N LEU A 143 2.58 -20.23 9.63
CA LEU A 143 1.83 -20.15 10.87
C LEU A 143 2.53 -19.16 11.78
N ILE A 144 1.73 -18.27 12.36
CA ILE A 144 2.17 -17.26 13.31
C ILE A 144 1.31 -17.32 14.55
N PRO A 145 1.80 -16.79 15.65
CA PRO A 145 0.92 -16.70 16.81
C PRO A 145 -0.43 -16.06 16.47
N VAL A 146 -1.49 -16.65 16.98
CA VAL A 146 -2.82 -16.22 16.57
C VAL A 146 -3.03 -14.73 16.82
N ARG A 147 -3.48 -14.06 15.78
CA ARG A 147 -3.79 -12.62 15.87
C ARG A 147 -5.14 -12.39 16.51
N LEU A 148 -5.27 -11.21 17.06
CA LEU A 148 -6.54 -10.85 17.68
C LEU A 148 -7.69 -10.94 16.71
N SER A 149 -7.46 -10.63 15.44
CA SER A 149 -8.52 -10.76 14.46
C SER A 149 -9.04 -12.19 14.37
N GLU A 150 -8.15 -13.18 14.39
CA GLU A 150 -8.58 -14.59 14.37
C GLU A 150 -9.11 -15.07 15.71
N ILE A 151 -8.65 -14.49 16.81
CA ILE A 151 -9.22 -14.80 18.11
C ILE A 151 -10.71 -14.42 18.10
N TYR A 152 -11.05 -13.26 17.55
CA TYR A 152 -12.45 -12.89 17.46
C TYR A 152 -13.22 -13.90 16.62
N GLN A 153 -12.65 -14.32 15.48
CA GLN A 153 -13.35 -15.29 14.64
C GLN A 153 -13.57 -16.64 15.33
N ILE A 154 -12.58 -17.07 16.10
CA ILE A 154 -12.70 -18.32 16.86
C ILE A 154 -13.87 -18.18 17.86
N ASN A 155 -13.92 -17.10 18.60
CA ASN A 155 -14.98 -16.96 19.59
C ASN A 155 -16.34 -16.77 18.97
N GLU A 156 -16.44 -16.03 17.87
CA GLU A 156 -17.72 -15.82 17.19
C GLU A 156 -18.24 -17.16 16.63
N GLY A 157 -17.36 -17.98 16.03
CA GLY A 157 -17.81 -19.26 15.48
C GLY A 157 -18.30 -20.18 16.60
N TYR A 158 -17.53 -20.26 17.66
CA TYR A 158 -17.87 -21.09 18.80
C TYR A 158 -19.19 -20.63 19.39
N GLU A 159 -19.33 -19.32 19.61
CA GLU A 159 -20.60 -18.76 20.15
C GLU A 159 -21.81 -19.07 19.27
N TRP A 160 -21.66 -19.01 17.96
CA TRP A 160 -22.75 -19.33 17.06
C TRP A 160 -23.19 -20.77 17.23
N VAL A 161 -22.23 -21.70 17.29
CA VAL A 161 -22.58 -23.10 17.52
C VAL A 161 -23.27 -23.29 18.86
N VAL A 162 -22.78 -22.64 19.89
CA VAL A 162 -23.40 -22.76 21.20
C VAL A 162 -24.87 -22.32 21.14
N SER A 163 -25.09 -21.18 20.50
CA SER A 163 -26.41 -20.62 20.40
C SER A 163 -27.32 -21.54 19.58
N THR A 164 -26.75 -22.09 18.52
CA THR A 164 -27.51 -22.95 17.62
C THR A 164 -27.95 -24.22 18.38
N VAL A 165 -27.04 -24.78 19.17
CA VAL A 165 -27.35 -26.01 19.93
C VAL A 165 -28.43 -25.70 20.95
N LYS A 166 -28.33 -24.54 21.60
CA LYS A 166 -29.35 -24.15 22.56
C LYS A 166 -30.74 -24.01 21.90
N GLN A 167 -30.79 -23.24 20.82
CA GLN A 167 -32.02 -23.00 20.07
C GLN A 167 -32.65 -24.27 19.50
N GLU A 168 -31.84 -25.11 18.87
CA GLU A 168 -32.40 -26.25 18.16
C GLU A 168 -32.65 -27.45 19.03
N LEU A 169 -31.75 -27.67 20.00
CA LEU A 169 -31.78 -28.88 20.82
C LEU A 169 -32.16 -28.65 22.26
N LYS A 170 -32.19 -27.40 22.70
CA LYS A 170 -32.37 -27.07 24.10
C LYS A 170 -31.33 -27.79 24.96
N LYS A 171 -30.09 -27.77 24.49
CA LYS A 171 -28.98 -28.32 25.24
C LYS A 171 -27.90 -27.27 25.45
N ASP A 172 -27.15 -27.43 26.54
CA ASP A 172 -26.00 -26.59 26.82
CA ASP A 172 -26.01 -26.59 26.83
C ASP A 172 -24.80 -27.15 26.09
N PHE A 173 -23.67 -26.50 26.26
CA PHE A 173 -22.46 -26.81 25.52
C PHE A 173 -21.22 -26.45 26.31
N GLN A 174 -20.39 -27.44 26.62
CA GLN A 174 -19.13 -27.23 27.40
C GLN A 174 -17.87 -27.13 26.58
N GLY A 175 -17.93 -27.54 25.33
CA GLY A 175 -16.73 -27.64 24.51
C GLY A 175 -15.95 -28.90 24.78
N VAL A 176 -16.67 -30.00 25.07
CA VAL A 176 -16.02 -31.27 25.37
C VAL A 176 -16.38 -32.31 24.33
N GLU A 177 -15.69 -33.44 24.37
CA GLU A 177 -15.90 -34.48 23.38
CA GLU A 177 -15.90 -34.48 23.38
C GLU A 177 -17.36 -34.91 23.31
N GLU A 178 -18.01 -34.95 24.46
CA GLU A 178 -19.41 -35.41 24.52
C GLU A 178 -20.37 -34.43 23.79
N ASP A 179 -19.89 -33.22 23.51
CA ASP A 179 -20.67 -32.26 22.74
C ASP A 179 -20.62 -32.45 21.23
N LEU A 180 -19.73 -33.30 20.75
CA LEU A 180 -19.61 -33.53 19.31
C LEU A 180 -20.94 -34.03 18.75
N GLU A 181 -21.58 -34.92 19.49
CA GLU A 181 -22.87 -35.44 19.07
C GLU A 181 -23.91 -34.35 18.94
N LYS A 182 -23.85 -33.30 19.75
CA LYS A 182 -24.81 -32.19 19.66
CA LYS A 182 -24.80 -32.18 19.66
C LYS A 182 -24.60 -31.45 18.33
N ILE A 183 -23.33 -31.29 17.91
CA ILE A 183 -23.04 -30.70 16.62
C ILE A 183 -23.64 -31.54 15.53
N GLN A 184 -23.42 -32.85 15.58
CA GLN A 184 -24.01 -33.78 14.61
C GLN A 184 -25.55 -33.70 14.55
N GLN A 185 -26.18 -33.59 15.71
CA GLN A 185 -27.66 -33.41 15.80
C GLN A 185 -28.16 -32.16 15.11
N VAL A 186 -27.43 -31.07 15.26
CA VAL A 186 -27.89 -29.84 14.59
CA VAL A 186 -27.75 -29.80 14.60
C VAL A 186 -27.65 -29.99 13.08
N ILE A 187 -26.56 -30.62 12.66
CA ILE A 187 -26.36 -30.84 11.23
C ILE A 187 -27.46 -31.73 10.67
N ASP A 188 -27.73 -32.84 11.35
CA ASP A 188 -28.69 -33.84 10.86
C ASP A 188 -30.13 -33.27 10.84
N SER A 189 -30.38 -32.26 11.67
CA SER A 189 -31.68 -31.65 11.74
C SER A 189 -31.99 -30.73 10.57
N GLY A 190 -30.95 -30.43 9.78
CA GLY A 190 -31.13 -29.57 8.61
C GLY A 190 -31.01 -28.09 8.91
N LYS A 191 -30.61 -27.76 10.12
CA LYS A 191 -30.54 -26.36 10.54
C LYS A 191 -29.56 -25.51 9.70
N ILE A 192 -28.46 -26.09 9.21
CA ILE A 192 -27.46 -25.31 8.51
CA ILE A 192 -27.45 -25.33 8.50
C ILE A 192 -27.71 -25.34 7.01
N SER A 193 -27.84 -24.17 6.38
CA SER A 193 -28.07 -24.21 4.96
C SER A 193 -26.80 -24.70 4.31
N PRO A 194 -26.94 -25.55 3.29
CA PRO A 194 -25.79 -26.15 2.65
C PRO A 194 -24.95 -25.13 1.89
N LYS A 195 -25.52 -23.95 1.63
CA LYS A 195 -24.82 -22.91 0.87
C LYS A 195 -24.08 -21.90 1.75
N LYS A 196 -24.30 -21.95 3.08
CA LYS A 196 -23.81 -20.88 3.96
C LYS A 196 -22.45 -21.26 4.49
N LYS A 197 -21.40 -20.90 3.74
CA LYS A 197 -20.04 -21.31 4.08
C LYS A 197 -19.64 -20.93 5.49
N ASP A 198 -20.04 -19.73 5.96
CA ASP A 198 -19.58 -19.22 7.25
C ASP A 198 -20.10 -20.06 8.42
N GLU A 199 -21.30 -20.60 8.29
CA GLU A 199 -21.83 -21.49 9.31
C GLU A 199 -21.07 -22.82 9.36
N TRP A 200 -20.70 -23.36 8.22
CA TRP A 200 -19.84 -24.56 8.17
C TRP A 200 -18.44 -24.30 8.70
N LEU A 201 -17.89 -23.12 8.45
CA LEU A 201 -16.66 -22.71 9.10
C LEU A 201 -16.82 -22.63 10.63
N ALA A 202 -17.93 -22.07 11.10
CA ALA A 202 -18.19 -22.01 12.53
C ALA A 202 -18.22 -23.43 13.15
N ILE A 203 -18.79 -24.39 12.42
CA ILE A 203 -18.82 -25.78 12.86
C ILE A 203 -17.42 -26.35 13.03
N GLY A 204 -16.59 -26.11 12.03
CA GLY A 204 -15.22 -26.57 12.02
C GLY A 204 -14.40 -25.88 13.07
N ILE A 205 -14.58 -24.56 13.23
CA ILE A 205 -13.92 -23.86 14.33
C ILE A 205 -14.27 -24.44 15.70
N THR A 206 -15.54 -24.84 15.88
CA THR A 206 -16.01 -25.35 17.17
C THR A 206 -15.40 -26.75 17.41
N VAL A 207 -15.32 -27.58 16.37
CA VAL A 207 -14.67 -28.88 16.51
C VAL A 207 -13.21 -28.69 16.91
N CYS A 208 -12.54 -27.72 16.29
CA CYS A 208 -11.16 -27.39 16.67
C CYS A 208 -11.05 -26.86 18.11
N ALA A 209 -12.02 -26.05 18.57
CA ALA A 209 -12.05 -25.63 19.99
C ALA A 209 -12.12 -26.85 20.89
N ILE A 210 -12.96 -27.83 20.54
CA ILE A 210 -13.06 -29.06 21.39
C ILE A 210 -11.72 -29.80 21.36
N LEU A 211 -11.08 -29.92 20.19
CA LEU A 211 -9.75 -30.50 20.13
C LEU A 211 -8.80 -29.78 21.10
N THR A 212 -8.81 -28.45 21.14
CA THR A 212 -7.87 -27.73 22.04
C THR A 212 -8.19 -28.03 23.49
N ASN A 213 -9.45 -28.29 23.78
CA ASN A 213 -9.89 -28.58 25.13
C ASN A 213 -9.55 -29.98 25.55
N GLU A 214 -9.50 -30.91 24.61
CA GLU A 214 -9.39 -32.33 24.95
C GLU A 214 -8.06 -32.97 24.66
N VAL A 215 -7.29 -32.40 23.74
CA VAL A 215 -6.07 -33.05 23.29
C VAL A 215 -4.88 -32.11 23.52
N GLU A 216 -4.01 -32.47 24.45
CA GLU A 216 -2.83 -31.66 24.69
C GLU A 216 -2.00 -31.56 23.42
N GLY A 217 -1.48 -30.36 23.19
CA GLY A 217 -0.58 -30.12 22.07
C GLY A 217 -1.26 -29.52 20.86
N GLU A 219 -2.87 -26.38 19.32
CA GLU A 219 -2.68 -24.97 19.62
C GLU A 219 -3.24 -24.10 18.48
N TRP A 220 -4.02 -23.08 18.82
CA TRP A 220 -4.46 -22.15 17.77
C TRP A 220 -3.30 -21.31 17.22
N LYS A 221 -3.31 -21.08 15.91
CA LYS A 221 -2.38 -20.21 15.21
C LYS A 221 -3.16 -19.46 14.16
N THR A 222 -2.56 -18.39 13.66
CA THR A 222 -2.97 -17.81 12.35
C THR A 222 -2.13 -18.36 11.21
N LEU A 223 -2.83 -18.85 10.18
CA LEU A 223 -2.23 -19.25 8.94
C LEU A 223 -2.35 -18.08 7.99
N ILE A 224 -1.21 -17.68 7.46
CA ILE A 224 -1.13 -16.69 6.41
C ILE A 224 -0.66 -17.47 5.17
N ASP A 225 -1.58 -17.68 4.22
CA ASP A 225 -1.28 -18.46 3.01
C ASP A 225 -1.82 -17.64 1.84
N GLY A 226 -0.94 -16.85 1.26
CA GLY A 226 -1.30 -15.98 0.17
C GLY A 226 -2.26 -14.97 0.75
N ASN A 227 -3.42 -14.86 0.11
CA ASN A 227 -4.45 -13.92 0.52
C ASN A 227 -5.37 -14.54 1.57
N ARG A 228 -5.15 -15.82 1.88
CA ARG A 228 -5.92 -16.50 2.90
C ARG A 228 -5.29 -16.30 4.28
N GLU A 229 -6.07 -15.76 5.21
CA GLU A 229 -5.67 -15.45 6.57
C GLU A 229 -6.72 -15.99 7.52
N VAL A 230 -6.43 -17.11 8.17
CA VAL A 230 -7.46 -17.88 8.91
C VAL A 230 -6.92 -18.53 10.19
N PRO A 231 -7.82 -18.82 11.16
CA PRO A 231 -7.41 -19.57 12.36
C PRO A 231 -7.28 -21.03 12.03
N VAL A 232 -6.22 -21.68 12.53
CA VAL A 232 -5.97 -23.10 12.34
C VAL A 232 -5.40 -23.66 13.63
N LEU A 233 -5.33 -24.98 13.72
CA LEU A 233 -4.60 -25.58 14.82
C LEU A 233 -3.27 -26.09 14.30
N GLU A 234 -2.29 -26.06 15.18
CA GLU A 234 -1.02 -26.78 14.93
C GLU A 234 -0.90 -27.94 15.92
N TYR A 235 -0.52 -29.12 15.41
CA TYR A 235 -0.40 -30.33 16.23
C TYR A 235 0.56 -31.30 15.58
N GLN A 236 1.54 -31.81 16.33
CA GLN A 236 2.45 -32.85 15.84
C GLN A 236 3.02 -32.58 14.44
N GLY A 237 3.54 -31.37 14.31
CA GLY A 237 4.10 -30.88 13.07
C GLY A 237 3.16 -30.70 11.89
N ARG A 238 1.84 -30.72 12.13
CA ARG A 238 0.93 -30.50 11.05
C ARG A 238 -0.15 -29.48 11.41
N THR A 239 -0.88 -29.05 10.38
CA THR A 239 -1.94 -28.08 10.52
C THR A 239 -3.29 -28.79 10.42
N ILE A 240 -4.22 -28.41 11.29
CA ILE A 240 -5.61 -28.87 11.22
C ILE A 240 -6.47 -27.63 10.95
N ASP A 241 -7.13 -27.64 9.81
CA ASP A 241 -7.80 -26.46 9.26
C ASP A 241 -9.29 -26.62 9.49
N PRO A 242 -9.89 -25.73 10.30
CA PRO A 242 -11.34 -25.75 10.47
C PRO A 242 -12.17 -25.84 9.19
N LYS A 244 -11.51 -27.48 6.55
CA LYS A 244 -11.50 -28.86 6.05
C LYS A 244 -12.21 -29.87 6.96
N ILE A 245 -12.69 -29.41 8.10
CA ILE A 245 -13.46 -30.24 8.99
C ILE A 245 -14.85 -30.52 8.39
N ALA A 246 -15.48 -29.49 7.86
CA ALA A 246 -16.88 -29.59 7.43
C ALA A 246 -17.10 -29.00 6.04
N TRP A 247 -16.62 -27.78 5.80
CA TRP A 247 -16.97 -27.06 4.58
C TRP A 247 -16.44 -27.72 3.32
N SER A 248 -15.18 -28.15 3.36
CA SER A 248 -14.61 -28.79 2.20
C SER A 248 -15.50 -29.98 1.78
N LYS A 249 -16.06 -30.68 2.74
CA LYS A 249 -16.92 -31.85 2.44
C LYS A 249 -18.28 -31.43 1.90
N VAL A 250 -18.90 -30.49 2.59
CA VAL A 250 -20.21 -29.97 2.21
C VAL A 250 -20.14 -29.35 0.80
N LYS A 251 -19.07 -28.62 0.52
CA LYS A 251 -18.84 -28.02 -0.79
C LYS A 251 -18.78 -29.11 -1.87
N ALA A 252 -18.17 -30.24 -1.54
CA ALA A 252 -18.00 -31.35 -2.45
C ALA A 252 -19.23 -32.26 -2.52
N GLY A 253 -20.27 -31.95 -1.77
CA GLY A 253 -21.44 -32.81 -1.71
C GLY A 253 -21.27 -34.06 -0.86
N GLN A 254 -20.28 -34.07 0.03
CA GLN A 254 -20.04 -35.22 0.86
C GLN A 254 -20.68 -35.00 2.24
N PRO A 255 -20.98 -36.10 2.95
CA PRO A 255 -21.49 -36.01 4.32
C PRO A 255 -20.48 -35.39 5.24
N CYS A 256 -20.99 -34.68 6.24
CA CYS A 256 -20.19 -34.18 7.33
C CYS A 256 -20.43 -35.11 8.54
N ASN A 257 -19.45 -35.98 8.82
CA ASN A 257 -19.48 -36.82 10.01
C ASN A 257 -18.49 -36.23 11.00
N ILE A 258 -19.03 -35.57 12.02
CA ILE A 258 -18.25 -34.82 12.98
C ILE A 258 -17.32 -35.73 13.83
N ALA A 259 -17.84 -36.83 14.32
CA ALA A 259 -17.06 -37.76 15.13
C ALA A 259 -15.86 -38.22 14.31
N GLU A 260 -16.07 -38.55 13.04
CA GLU A 260 -14.97 -38.99 12.20
C GLU A 260 -13.93 -37.91 11.92
N ALA A 261 -14.39 -36.69 11.69
CA ALA A 261 -13.48 -35.59 11.40
C ALA A 261 -12.62 -35.29 12.63
N TYR A 262 -13.23 -35.35 13.80
CA TYR A 262 -12.54 -35.11 15.06
C TYR A 262 -11.44 -36.15 15.26
N GLN A 263 -11.79 -37.42 15.11
CA GLN A 263 -10.79 -38.48 15.26
C GLN A 263 -9.66 -38.37 14.22
N SER A 264 -10.04 -38.07 12.98
CA SER A 264 -9.08 -37.97 11.90
CA SER A 264 -9.10 -37.94 11.89
C SER A 264 -8.09 -36.85 12.16
N ALA A 265 -8.56 -35.76 12.78
CA ALA A 265 -7.65 -34.66 13.16
C ALA A 265 -6.56 -35.18 14.07
N ILE A 266 -6.93 -36.05 15.00
CA ILE A 266 -6.00 -36.61 15.99
C ILE A 266 -5.05 -37.65 15.39
N ASP A 267 -5.57 -38.72 14.75
CA ASP A 267 -4.72 -39.83 14.28
C ASP A 267 -4.32 -39.73 12.80
N HIS A 268 -4.83 -38.69 12.11
CA HIS A 268 -4.42 -38.45 10.73
C HIS A 268 -4.73 -39.61 9.76
N HIS A 269 -5.79 -40.36 10.06
CA HIS A 269 -6.29 -41.45 9.20
C HIS A 269 -7.79 -41.33 9.01
N GLY B 1 -13.13 14.58 -11.95
CA GLY B 1 -14.39 14.90 -12.71
C GLY B 1 -14.68 13.79 -13.71
N GLN B 3 -14.30 13.71 -16.94
CA GLN B 3 -13.22 13.54 -17.91
C GLN B 3 -12.00 12.91 -17.24
N GLY B 4 -12.01 12.80 -15.91
CA GLY B 4 -10.89 12.15 -15.19
C GLY B 4 -9.61 13.00 -15.24
N LYS B 5 -8.49 12.31 -15.31
CA LYS B 5 -7.17 12.93 -15.32
C LYS B 5 -6.53 12.66 -16.70
N LYS B 6 -5.89 13.66 -17.28
CA LYS B 6 -5.15 13.51 -18.52
C LYS B 6 -3.74 13.09 -18.26
N PHE B 7 -3.31 12.10 -19.02
CA PHE B 7 -1.96 11.63 -19.04
C PHE B 7 -1.43 11.87 -20.43
N ILE B 8 -0.28 12.52 -20.52
CA ILE B 8 0.50 12.58 -21.76
C ILE B 8 1.84 11.89 -21.51
N SER B 9 2.19 11.00 -22.41
CA SER B 9 3.36 10.12 -22.20
C SER B 9 4.68 10.87 -22.47
N PRO B 10 5.82 10.27 -22.06
CA PRO B 10 7.11 10.87 -22.40
C PRO B 10 7.30 11.07 -23.89
N GLY B 11 7.77 12.25 -24.29
CA GLY B 11 7.87 12.58 -25.69
C GLY B 11 6.55 12.85 -26.36
N ALA B 12 5.48 12.78 -25.55
CA ALA B 12 4.11 13.02 -25.99
C ALA B 12 3.73 12.10 -27.14
N TRP B 13 4.17 10.85 -27.08
CA TRP B 13 3.77 9.87 -28.08
C TRP B 13 2.28 9.61 -28.02
N PHE B 14 1.73 9.60 -26.82
CA PHE B 14 0.30 9.34 -26.66
C PHE B 14 -0.31 10.10 -25.48
N SER B 15 -1.64 10.25 -25.50
CA SER B 15 -2.38 10.88 -24.42
C SER B 15 -3.61 10.03 -24.18
N ASN B 17 -7.16 9.72 -21.03
CA ASN B 17 -7.77 10.16 -19.76
C ASN B 17 -8.19 8.96 -18.95
N TYR B 18 -7.95 9.02 -17.64
CA TYR B 18 -8.22 7.90 -16.74
C TYR B 18 -8.94 8.36 -15.49
N PRO B 19 -9.61 7.43 -14.80
CA PRO B 19 -10.40 7.88 -13.68
C PRO B 19 -9.65 8.66 -12.59
N SER B 20 -10.27 9.75 -12.13
CA SER B 20 -9.63 10.57 -11.12
C SER B 20 -9.23 9.82 -9.85
N ASP B 21 -9.96 8.78 -9.50
CA ASP B 21 -9.69 8.03 -8.27
CA ASP B 21 -9.68 8.05 -8.27
C ASP B 21 -8.46 7.14 -8.42
N TRP B 22 -7.96 7.01 -9.63
CA TRP B 22 -6.73 6.23 -9.81
C TRP B 22 -5.50 7.08 -9.51
N ASN B 23 -4.40 6.42 -9.15
CA ASN B 23 -3.09 7.08 -9.08
C ASN B 23 -2.14 6.25 -9.94
N GLU B 24 -0.98 6.83 -10.26
CA GLU B 24 0.06 6.24 -11.11
C GLU B 24 1.17 5.67 -10.19
N PHE B 25 1.64 4.47 -10.55
CA PHE B 25 2.65 3.76 -9.77
C PHE B 25 3.71 3.20 -10.70
N GLU B 26 4.85 2.80 -10.14
CA GLU B 26 6.00 2.39 -10.98
C GLU B 26 5.72 1.03 -11.61
N ASP B 27 6.02 0.91 -12.91
CA ASP B 27 5.88 -0.38 -13.64
C ASP B 27 7.10 -0.77 -14.48
N GLY B 28 8.20 -0.04 -14.36
CA GLY B 28 9.40 -0.32 -15.16
C GLY B 28 9.49 0.52 -16.41
N GLU B 29 10.66 0.47 -17.06
CA GLU B 29 10.96 1.30 -18.23
C GLU B 29 9.96 1.05 -19.34
N GLY B 30 9.30 2.10 -19.81
CA GLY B 30 8.42 2.02 -20.97
C GLY B 30 6.98 1.56 -20.74
N SER B 31 6.62 1.25 -19.48
CA SER B 31 5.24 0.88 -19.12
C SER B 31 4.77 1.81 -18.01
N PHE B 32 3.45 2.01 -17.91
CA PHE B 32 2.83 2.91 -16.95
C PHE B 32 1.67 2.14 -16.34
N LEU B 33 1.55 2.26 -15.04
CA LEU B 33 0.61 1.49 -14.20
C LEU B 33 -0.26 2.45 -13.39
N PHE B 34 -1.56 2.19 -13.36
CA PHE B 34 -2.50 3.00 -12.66
C PHE B 34 -3.52 2.10 -11.96
N TYR B 35 -3.88 2.50 -10.75
CA TYR B 35 -4.97 1.82 -9.99
C TYR B 35 -5.49 2.73 -8.89
N ASN B 36 -6.68 2.39 -8.39
CA ASN B 36 -7.27 3.05 -7.26
C ASN B 36 -6.66 2.52 -5.98
N PRO B 37 -5.97 3.38 -5.24
CA PRO B 37 -5.28 2.90 -4.06
C PRO B 37 -6.19 2.74 -2.85
N ASP B 38 -7.41 3.26 -2.93
CA ASP B 38 -8.33 3.23 -1.81
C ASP B 38 -9.15 1.97 -1.85
N VAL B 39 -10.03 1.88 -2.84
CA VAL B 39 -10.79 0.68 -3.11
C VAL B 39 -10.42 0.23 -4.51
N TRP B 40 -9.73 -0.89 -4.58
CA TRP B 40 -9.11 -1.35 -5.81
C TRP B 40 -10.12 -1.88 -6.75
N THR B 41 -10.01 -1.47 -8.00
CA THR B 41 -10.88 -1.98 -9.05
C THR B 41 -10.10 -2.65 -10.18
N GLY B 42 -8.79 -2.87 -10.00
CA GLY B 42 -7.95 -3.52 -11.00
C GLY B 42 -6.72 -2.66 -11.36
N ASN B 43 -5.73 -3.30 -11.97
CA ASN B 43 -4.50 -2.62 -12.35
C ASN B 43 -4.51 -2.40 -13.85
N PHE B 44 -4.41 -1.14 -14.27
CA PHE B 44 -4.38 -0.74 -15.66
C PHE B 44 -2.94 -0.45 -16.04
N ARG B 45 -2.42 -1.09 -17.11
CA ARG B 45 -1.11 -0.79 -17.65
C ARG B 45 -1.20 -0.46 -19.14
N ILE B 46 -0.31 0.44 -19.56
CA ILE B 46 -0.16 0.74 -20.97
C ILE B 46 1.32 0.90 -21.29
N SER B 47 1.72 0.39 -22.45
CA SER B 47 3.05 0.65 -22.97
CA SER B 47 3.07 0.59 -22.99
C SER B 47 2.93 0.88 -24.46
N ALA B 48 3.85 1.70 -24.98
CA ALA B 48 3.89 1.97 -26.41
C ALA B 48 5.29 1.77 -26.92
N PHE B 49 5.38 1.44 -28.21
CA PHE B 49 6.66 1.21 -28.85
CA PHE B 49 6.63 1.12 -28.86
C PHE B 49 6.54 1.66 -30.28
N LYS B 50 7.63 2.26 -30.79
CA LYS B 50 7.69 2.71 -32.19
C LYS B 50 8.67 1.85 -32.99
N GLY B 51 8.34 1.58 -34.24
CA GLY B 51 9.17 0.82 -35.10
C GLY B 51 9.00 1.26 -36.54
N ASN B 52 9.01 0.28 -37.44
CA ASN B 52 8.94 0.50 -38.88
C ASN B 52 7.57 1.06 -39.28
N ALA B 53 7.41 1.37 -40.56
CA ALA B 53 6.23 2.15 -40.98
C ALA B 53 4.90 1.41 -40.76
N SER B 54 4.97 0.08 -40.74
CA SER B 54 3.78 -0.77 -40.54
C SER B 54 3.69 -1.40 -39.15
N TYR B 55 4.39 -0.83 -38.17
CA TYR B 55 4.56 -1.50 -36.87
C TYR B 55 3.23 -1.68 -36.12
N GLY B 56 2.41 -0.65 -36.14
CA GLY B 56 1.11 -0.71 -35.46
C GLY B 56 0.18 -1.79 -35.99
N LYS B 57 -0.11 -1.75 -37.29
CA LYS B 57 -0.99 -2.76 -37.84
C LYS B 57 -0.37 -4.16 -37.73
N ASP B 58 0.94 -4.26 -37.91
CA ASP B 58 1.62 -5.52 -37.79
C ASP B 58 1.47 -6.13 -36.40
N ALA B 59 1.50 -5.30 -35.36
CA ALA B 59 1.33 -5.76 -33.99
C ALA B 59 -0.06 -6.36 -33.79
N ILE B 60 -1.07 -5.72 -34.37
CA ILE B 60 -2.46 -6.23 -34.21
C ILE B 60 -2.53 -7.60 -34.91
N ARG B 61 -2.02 -7.68 -36.13
CA ARG B 61 -2.05 -8.95 -36.87
C ARG B 61 -1.27 -10.03 -36.14
N GLN B 62 -0.15 -9.66 -35.56
CA GLN B 62 0.68 -10.64 -34.90
C GLN B 62 -0.04 -11.26 -33.72
N GLU B 63 -0.77 -10.43 -32.97
CA GLU B 63 -1.47 -10.93 -31.79
C GLU B 63 -2.62 -11.85 -32.23
N LEU B 64 -3.35 -11.43 -33.26
CA LEU B 64 -4.44 -12.28 -33.77
C LEU B 64 -3.93 -13.62 -34.24
N LYS B 65 -2.75 -13.63 -34.84
CA LYS B 65 -2.14 -14.87 -35.36
C LYS B 65 -1.65 -15.80 -34.24
N GLU B 66 -0.91 -15.25 -33.30
CA GLU B 66 -0.29 -16.02 -32.23
C GLU B 66 -1.28 -16.46 -31.17
N ASN B 67 -2.29 -15.65 -30.90
CA ASN B 67 -3.20 -15.91 -29.80
C ASN B 67 -4.58 -16.30 -30.34
N ASP B 68 -4.90 -17.59 -30.35
CA ASP B 68 -6.18 -18.03 -30.89
C ASP B 68 -7.35 -17.51 -30.05
N SER B 69 -7.13 -17.19 -28.78
CA SER B 69 -8.17 -16.64 -27.95
C SER B 69 -8.36 -15.12 -28.15
N ALA B 70 -7.52 -14.49 -28.98
CA ALA B 70 -7.73 -13.07 -29.29
C ALA B 70 -8.79 -12.91 -30.37
N SER B 71 -9.57 -11.85 -30.27
CA SER B 71 -10.47 -11.43 -31.36
C SER B 71 -10.40 -9.92 -31.54
N LEU B 72 -10.84 -9.46 -32.71
CA LEU B 72 -10.72 -8.07 -33.08
C LEU B 72 -11.95 -7.35 -32.55
N VAL B 73 -11.75 -6.32 -31.73
CA VAL B 73 -12.82 -5.50 -31.20
C VAL B 73 -12.46 -4.03 -31.46
N LYS B 74 -13.46 -3.18 -31.66
CA LYS B 74 -13.23 -1.77 -31.91
C LYS B 74 -13.57 -1.02 -30.64
N ILE B 75 -12.62 -0.21 -30.18
CA ILE B 75 -12.82 0.61 -29.00
C ILE B 75 -12.42 2.02 -29.39
N GLY B 76 -13.40 2.92 -29.43
CA GLY B 76 -13.11 4.24 -29.97
C GLY B 76 -12.67 4.10 -31.42
N THR B 77 -11.53 4.69 -31.75
CA THR B 77 -10.96 4.61 -33.08
C THR B 77 -10.10 3.35 -33.26
N TRP B 78 -9.85 2.60 -32.19
CA TRP B 78 -8.82 1.55 -32.21
C TRP B 78 -9.33 0.17 -32.57
N ASP B 79 -8.64 -0.48 -33.50
CA ASP B 79 -8.88 -1.91 -33.73
C ASP B 79 -7.96 -2.64 -32.77
N CYS B 80 -8.55 -3.43 -31.86
CA CYS B 80 -7.77 -4.08 -30.81
C CYS B 80 -7.87 -5.58 -30.92
N ALA B 81 -6.72 -6.24 -30.81
CA ALA B 81 -6.67 -7.69 -30.63
C ALA B 81 -6.80 -7.93 -29.15
N TYR B 82 -7.99 -8.36 -28.75
CA TYR B 82 -8.40 -8.44 -27.35
C TYR B 82 -8.54 -9.89 -26.89
N SER B 83 -8.03 -10.16 -25.68
CA SER B 83 -8.10 -11.49 -25.08
C SER B 83 -8.18 -11.35 -23.59
N LYS B 84 -8.66 -12.40 -22.96
CA LYS B 84 -8.83 -12.48 -21.50
C LYS B 84 -8.23 -13.79 -21.07
N GLU B 85 -7.63 -13.80 -19.90
CA GLU B 85 -7.05 -15.01 -19.38
C GLU B 85 -7.30 -15.05 -17.88
N PHE B 87 -6.44 -16.45 -14.13
CA PHE B 87 -5.33 -17.05 -13.40
C PHE B 87 -5.58 -16.98 -11.92
N GLN B 88 -4.80 -17.75 -11.17
CA GLN B 88 -4.89 -17.76 -9.73
C GLN B 88 -3.53 -17.36 -9.16
N GLU B 89 -3.56 -16.44 -8.21
CA GLU B 89 -2.37 -15.85 -7.56
CA GLU B 89 -2.37 -15.92 -7.56
C GLU B 89 -2.65 -15.75 -6.07
N GLU B 90 -1.77 -16.29 -5.23
CA GLU B 90 -1.95 -16.26 -3.79
CA GLU B 90 -1.95 -16.22 -3.78
C GLU B 90 -3.34 -16.72 -3.37
N GLY B 91 -3.89 -17.67 -4.14
CA GLY B 91 -5.18 -18.29 -3.81
C GLY B 91 -6.38 -17.55 -4.40
N THR B 92 -6.16 -16.36 -4.96
CA THR B 92 -7.27 -15.54 -5.47
C THR B 92 -7.38 -15.68 -6.99
N TYR B 93 -8.61 -15.73 -7.50
CA TYR B 93 -8.82 -15.76 -8.96
C TYR B 93 -8.94 -14.37 -9.55
N TYR B 94 -8.22 -14.18 -10.65
CA TYR B 94 -8.21 -12.92 -11.41
C TYR B 94 -8.42 -13.17 -12.88
N THR B 95 -8.75 -12.09 -13.59
CA THR B 95 -8.79 -12.09 -15.04
C THR B 95 -7.86 -11.01 -15.54
N SER B 96 -7.01 -11.37 -16.49
CA SER B 96 -6.13 -10.46 -17.15
C SER B 96 -6.65 -10.15 -18.55
N HIS B 97 -7.08 -8.92 -18.75
CA HIS B 97 -7.53 -8.46 -20.05
C HIS B 97 -6.35 -7.85 -20.77
N LEU B 98 -6.23 -8.13 -22.08
CA LEU B 98 -5.13 -7.60 -22.88
C LEU B 98 -5.69 -7.08 -24.20
N TRP B 99 -5.34 -5.84 -24.53
CA TRP B 99 -5.66 -5.27 -25.83
C TRP B 99 -4.41 -4.82 -26.52
N ILE B 100 -4.16 -5.34 -27.73
CA ILE B 100 -3.04 -4.87 -28.53
C ILE B 100 -3.62 -4.06 -29.66
N THR B 101 -3.13 -2.83 -29.83
CA THR B 101 -3.58 -1.98 -30.90
C THR B 101 -2.40 -1.15 -31.41
N GLY B 102 -2.71 -0.23 -32.32
CA GLY B 102 -1.70 0.62 -32.91
C GLY B 102 -2.15 1.26 -34.19
N THR B 103 -1.30 2.13 -34.70
CA THR B 103 -1.51 2.78 -35.96
C THR B 103 -0.19 3.29 -36.47
N GLY B 104 0.00 3.27 -37.76
CA GLY B 104 1.25 3.80 -38.30
C GLY B 104 2.42 3.06 -37.69
N ASN B 105 3.42 3.78 -37.22
CA ASN B 105 4.61 3.16 -36.64
C ASN B 105 4.56 2.96 -35.12
N ILE B 106 3.38 3.09 -34.50
CA ILE B 106 3.29 2.95 -33.05
C ILE B 106 2.31 1.84 -32.66
N ALA B 107 2.76 0.98 -31.75
CA ALA B 107 1.98 -0.14 -31.22
C ALA B 107 1.77 0.09 -29.72
N PHE B 108 0.58 -0.28 -29.24
CA PHE B 108 0.23 -0.21 -27.84
C PHE B 108 -0.11 -1.56 -27.30
N GLU B 109 0.28 -1.82 -26.06
CA GLU B 109 -0.14 -2.98 -25.30
C GLU B 109 -0.79 -2.43 -24.04
N CYS B 110 -2.07 -2.74 -23.89
CA CYS B 110 -2.81 -2.33 -22.68
CA CYS B 110 -2.88 -2.36 -22.74
C CYS B 110 -3.33 -3.56 -21.98
N SER B 111 -3.30 -3.54 -20.64
CA SER B 111 -3.86 -4.64 -19.88
C SER B 111 -4.60 -4.11 -18.68
N PHE B 112 -5.52 -4.94 -18.20
CA PHE B 112 -6.28 -4.60 -17.00
C PHE B 112 -6.47 -5.89 -16.25
N THR B 113 -5.95 -5.96 -15.01
CA THR B 113 -6.00 -7.14 -14.22
C THR B 113 -6.97 -6.84 -13.09
N VAL B 114 -7.98 -7.69 -12.99
CA VAL B 114 -9.12 -7.48 -12.09
CA VAL B 114 -9.08 -7.47 -12.07
C VAL B 114 -9.46 -8.77 -11.35
N PRO B 115 -10.11 -8.66 -10.18
CA PRO B 115 -10.69 -9.87 -9.60
C PRO B 115 -11.68 -10.51 -10.55
N LYS B 116 -11.73 -11.84 -10.56
CA LYS B 116 -12.60 -12.54 -11.47
C LYS B 116 -14.03 -12.02 -11.27
N GLY B 117 -14.68 -11.70 -12.37
CA GLY B 117 -16.04 -11.12 -12.34
C GLY B 117 -16.07 -9.61 -12.30
N GLY B 118 -14.91 -8.97 -12.08
CA GLY B 118 -14.87 -7.54 -11.94
C GLY B 118 -15.06 -6.84 -13.27
N SER B 119 -15.64 -5.62 -13.21
CA SER B 119 -15.92 -4.89 -14.45
C SER B 119 -14.63 -4.50 -15.19
N ALA B 120 -14.63 -4.63 -16.52
CA ALA B 120 -13.53 -4.15 -17.31
C ALA B 120 -13.81 -2.81 -17.96
N LYS B 121 -14.95 -2.23 -17.63
CA LYS B 121 -15.42 -1.04 -18.34
C LYS B 121 -14.48 0.18 -18.21
N GLU B 122 -13.94 0.43 -17.03
CA GLU B 122 -12.97 1.54 -16.90
C GLU B 122 -11.83 1.46 -17.87
N ALA B 123 -11.28 0.26 -18.08
CA ALA B 123 -10.17 0.10 -18.99
C ALA B 123 -10.56 0.39 -20.43
N GLU B 124 -11.73 -0.08 -20.85
CA GLU B 124 -12.21 0.20 -22.18
C GLU B 124 -12.43 1.68 -22.38
N GLU B 125 -12.94 2.33 -21.34
CA GLU B 125 -13.20 3.77 -21.41
C GLU B 125 -11.88 4.54 -21.51
N VAL B 126 -10.81 4.06 -20.87
CA VAL B 126 -9.51 4.69 -21.07
C VAL B 126 -9.02 4.56 -22.51
N ILE B 127 -9.08 3.35 -23.03
CA ILE B 127 -8.63 3.07 -24.39
C ILE B 127 -9.37 3.92 -25.40
N ALA B 128 -10.67 4.12 -25.18
CA ALA B 128 -11.47 4.95 -26.09
C ALA B 128 -10.93 6.38 -26.14
N THR B 129 -10.28 6.87 -25.07
CA THR B 129 -9.69 8.22 -25.08
C THR B 129 -8.26 8.30 -25.64
N LEU B 130 -7.63 7.14 -25.88
CA LEU B 130 -6.25 7.05 -26.28
C LEU B 130 -6.06 7.73 -27.62
N GLU B 131 -5.04 8.58 -27.68
CA GLU B 131 -4.69 9.26 -28.93
C GLU B 131 -3.19 9.17 -29.16
N ALA B 132 -2.78 8.87 -30.40
CA ALA B 132 -1.35 8.88 -30.74
C ALA B 132 -1.10 10.20 -31.41
N ARG B 133 -0.20 11.00 -30.87
CA ARG B 133 0.07 12.29 -31.47
C ARG B 133 0.89 12.13 -32.76
N LYS B 134 0.76 13.08 -33.67
CA LYS B 134 1.50 13.02 -34.91
C LYS B 134 2.69 13.96 -34.83
N GLU B 135 3.88 13.49 -35.22
CA GLU B 135 5.04 14.38 -35.43
C GLU B 135 4.63 15.41 -36.49
N GLY B 136 4.92 16.68 -36.22
CA GLY B 136 4.51 17.76 -37.13
C GLY B 136 3.13 18.37 -36.87
N GLU B 137 2.39 17.84 -35.91
CA GLU B 137 1.16 18.50 -35.45
C GLU B 137 1.52 19.32 -34.21
N LYS B 138 1.05 20.56 -34.16
CA LYS B 138 1.32 21.46 -33.03
C LYS B 138 0.32 21.16 -31.93
N TYR B 139 0.84 20.96 -30.73
CA TYR B 139 0.01 20.77 -29.56
C TYR B 139 0.32 21.90 -28.57
N PRO B 140 -0.67 22.76 -28.33
CA PRO B 140 -0.46 23.84 -27.35
C PRO B 140 0.03 23.35 -25.98
N ALA B 141 0.82 24.17 -25.32
CA ALA B 141 1.34 23.82 -24.00
C ALA B 141 0.17 23.57 -23.06
N GLU B 142 0.33 22.62 -22.16
CA GLU B 142 -0.72 22.37 -21.19
C GLU B 142 -0.18 21.82 -19.89
N LEU B 143 -0.96 22.02 -18.83
CA LEU B 143 -0.70 21.46 -17.53
C LEU B 143 -1.58 20.22 -17.37
N ILE B 144 -0.95 19.16 -16.88
CA ILE B 144 -1.64 17.92 -16.54
C ILE B 144 -1.32 17.52 -15.08
N PRO B 145 -2.15 16.67 -14.49
CA PRO B 145 -1.76 16.09 -13.20
C PRO B 145 -0.34 15.58 -13.21
N VAL B 146 0.39 15.81 -12.13
CA VAL B 146 1.82 15.52 -12.18
C VAL B 146 2.06 14.03 -12.42
N ARG B 147 2.91 13.73 -13.39
CA ARG B 147 3.28 12.36 -13.70
C ARG B 147 4.32 11.80 -12.72
N LEU B 148 4.39 10.49 -12.63
CA LEU B 148 5.32 9.88 -11.69
C LEU B 148 6.75 10.29 -12.07
N SER B 149 7.05 10.38 -13.37
CA SER B 149 8.39 10.83 -13.77
C SER B 149 8.79 12.17 -13.14
N GLU B 150 7.85 13.10 -13.10
CA GLU B 150 8.15 14.42 -12.51
C GLU B 150 8.12 14.36 -10.97
N ILE B 151 7.34 13.45 -10.41
CA ILE B 151 7.39 13.22 -8.97
C ILE B 151 8.79 12.81 -8.58
N TYR B 152 9.38 11.92 -9.34
CA TYR B 152 10.77 11.53 -9.09
C TYR B 152 11.76 12.71 -9.22
N GLN B 153 11.57 13.57 -10.21
CA GLN B 153 12.44 14.72 -10.38
C GLN B 153 12.31 15.69 -9.19
N ILE B 154 11.09 15.88 -8.70
CA ILE B 154 10.84 16.81 -7.60
C ILE B 154 11.59 16.27 -6.38
N ASN B 155 11.45 15.00 -6.12
CA ASN B 155 12.11 14.42 -4.94
C ASN B 155 13.62 14.41 -5.07
N GLU B 156 14.11 14.08 -6.25
CA GLU B 156 15.57 14.06 -6.50
C GLU B 156 16.19 15.45 -6.35
N GLY B 157 15.52 16.46 -6.87
CA GLY B 157 15.99 17.85 -6.72
C GLY B 157 16.00 18.26 -5.26
N TYR B 158 14.90 18.01 -4.56
CA TYR B 158 14.81 18.28 -3.12
C TYR B 158 15.94 17.56 -2.32
N GLU B 159 16.09 16.27 -2.53
CA GLU B 159 17.12 15.50 -1.84
C GLU B 159 18.51 16.05 -2.10
N TRP B 160 18.78 16.47 -3.33
CA TRP B 160 20.11 16.98 -3.65
C TRP B 160 20.39 18.26 -2.86
N VAL B 161 19.40 19.12 -2.72
CA VAL B 161 19.56 20.33 -1.87
C VAL B 161 19.74 19.98 -0.40
N VAL B 162 18.97 19.03 0.09
CA VAL B 162 19.10 18.61 1.50
C VAL B 162 20.53 18.10 1.77
N SER B 163 21.02 17.24 0.88
CA SER B 163 22.37 16.69 0.95
C SER B 163 23.43 17.77 0.91
N THR B 164 23.22 18.72 0.00
CA THR B 164 24.20 19.79 -0.20
C THR B 164 24.26 20.72 1.01
N VAL B 165 23.10 21.07 1.58
CA VAL B 165 23.04 21.87 2.81
C VAL B 165 23.74 21.15 3.98
N LYS B 166 23.48 19.84 4.09
CA LYS B 166 24.16 19.05 5.12
C LYS B 166 25.68 19.06 4.92
N GLN B 167 26.11 18.77 3.69
CA GLN B 167 27.55 18.71 3.39
C GLN B 167 28.30 20.03 3.53
N GLU B 168 27.69 21.11 3.03
CA GLU B 168 28.38 22.41 3.04
C GLU B 168 28.24 23.20 4.34
N LEU B 169 27.06 23.11 4.99
CA LEU B 169 26.75 23.96 6.12
C LEU B 169 26.59 23.18 7.43
N LYS B 170 26.58 21.86 7.37
CA LYS B 170 26.32 21.01 8.54
C LYS B 170 24.99 21.42 9.16
N LYS B 171 24.01 21.67 8.31
CA LYS B 171 22.66 22.00 8.76
C LYS B 171 21.64 20.99 8.25
N ASP B 172 20.55 20.84 9.02
CA ASP B 172 19.41 20.05 8.59
C ASP B 172 18.43 20.88 7.79
N PHE B 173 17.34 20.26 7.35
CA PHE B 173 16.48 20.89 6.36
C PHE B 173 15.09 20.33 6.51
N GLN B 174 14.13 21.18 6.90
CA GLN B 174 12.69 20.80 6.94
C GLN B 174 11.81 21.12 5.75
N GLY B 175 12.26 21.97 4.83
CA GLY B 175 11.44 22.42 3.75
C GLY B 175 10.49 23.54 4.19
N VAL B 176 10.97 24.39 5.09
CA VAL B 176 10.19 25.53 5.60
C VAL B 176 10.85 26.85 5.21
N GLU B 177 10.14 27.97 5.37
CA GLU B 177 10.64 29.29 5.01
CA GLU B 177 10.65 29.27 4.99
C GLU B 177 12.01 29.57 5.60
N GLU B 178 12.24 29.15 6.84
CA GLU B 178 13.50 29.40 7.54
C GLU B 178 14.66 28.76 6.82
N ASP B 179 14.38 27.77 6.01
CA ASP B 179 15.44 27.10 5.26
C ASP B 179 15.89 27.82 4.00
N LEU B 180 15.16 28.82 3.53
CA LEU B 180 15.54 29.55 2.34
C LEU B 180 16.95 30.13 2.51
N GLU B 181 17.25 30.62 3.73
CA GLU B 181 18.56 31.22 3.98
C GLU B 181 19.68 30.20 3.81
N LYS B 182 19.41 28.93 4.06
CA LYS B 182 20.42 27.88 3.93
CA LYS B 182 20.42 27.88 3.93
C LYS B 182 20.70 27.67 2.47
N ILE B 183 19.64 27.67 1.65
CA ILE B 183 19.84 27.63 0.20
C ILE B 183 20.70 28.80 -0.26
N GLN B 184 20.41 30.03 0.22
CA GLN B 184 21.23 31.17 -0.15
C GLN B 184 22.68 30.99 0.29
N GLN B 185 22.92 30.46 1.50
CA GLN B 185 24.28 30.23 1.98
C GLN B 185 25.03 29.27 1.06
N VAL B 186 24.36 28.22 0.60
CA VAL B 186 25.01 27.29 -0.33
C VAL B 186 25.44 28.02 -1.62
N ILE B 187 24.52 28.76 -2.17
CA ILE B 187 24.81 29.54 -3.37
C ILE B 187 25.99 30.51 -3.15
N ASP B 188 25.94 31.28 -2.07
CA ASP B 188 26.93 32.28 -1.79
C ASP B 188 28.30 31.66 -1.49
N SER B 189 28.32 30.40 -1.06
CA SER B 189 29.60 29.71 -0.83
C SER B 189 30.32 29.32 -2.12
N GLY B 190 29.67 29.44 -3.27
CA GLY B 190 30.26 29.06 -4.55
C GLY B 190 30.14 27.62 -4.95
N LYS B 191 29.39 26.85 -4.19
CA LYS B 191 29.27 25.43 -4.45
C LYS B 191 28.76 25.13 -5.87
N ILE B 192 27.87 25.98 -6.40
CA ILE B 192 27.18 25.64 -7.65
C ILE B 192 27.79 26.40 -8.85
N SER B 193 28.38 25.67 -9.79
CA SER B 193 28.89 26.28 -11.02
C SER B 193 27.74 26.93 -11.78
N PRO B 194 27.96 28.13 -12.33
CA PRO B 194 26.87 28.81 -13.08
C PRO B 194 26.49 28.08 -14.37
N LYS B 195 27.31 27.13 -14.79
CA LYS B 195 27.00 26.33 -15.98
C LYS B 195 26.18 25.07 -15.67
N LYS B 196 26.11 24.66 -14.39
CA LYS B 196 25.53 23.34 -14.06
C LYS B 196 24.03 23.43 -13.88
N LYS B 197 23.33 23.46 -15.01
CA LYS B 197 21.89 23.71 -15.06
C LYS B 197 21.06 22.84 -14.12
N ASP B 198 21.38 21.55 -14.05
CA ASP B 198 20.59 20.61 -13.23
C ASP B 198 20.57 20.98 -11.76
N GLU B 199 21.66 21.55 -11.27
CA GLU B 199 21.76 21.96 -9.87
C GLU B 199 20.93 23.19 -9.62
N TRP B 200 20.91 24.13 -10.57
CA TRP B 200 20.03 25.29 -10.45
C TRP B 200 18.55 24.90 -10.55
N LEU B 201 18.25 23.86 -11.33
CA LEU B 201 16.88 23.33 -11.38
C LEU B 201 16.52 22.73 -10.05
N ALA B 202 17.44 22.01 -9.41
CA ALA B 202 17.25 21.42 -8.07
C ALA B 202 16.91 22.52 -7.05
N ILE B 203 17.67 23.62 -7.14
CA ILE B 203 17.46 24.76 -6.24
C ILE B 203 16.04 25.27 -6.45
N GLY B 204 15.63 25.47 -7.70
CA GLY B 204 14.31 26.00 -7.99
C GLY B 204 13.19 25.05 -7.54
N ILE B 205 13.40 23.77 -7.78
CA ILE B 205 12.45 22.75 -7.36
C ILE B 205 12.25 22.82 -5.84
N THR B 206 13.34 23.00 -5.10
CA THR B 206 13.30 22.98 -3.64
C THR B 206 12.60 24.24 -3.12
N VAL B 207 12.87 25.39 -3.76
CA VAL B 207 12.12 26.61 -3.45
C VAL B 207 10.59 26.35 -3.60
N CYS B 208 10.21 25.74 -4.71
CA CYS B 208 8.85 25.35 -4.96
C CYS B 208 8.31 24.36 -3.95
N ALA B 209 9.11 23.40 -3.49
CA ALA B 209 8.64 22.50 -2.43
C ALA B 209 8.32 23.30 -1.17
N ILE B 210 9.21 24.24 -0.85
CA ILE B 210 8.94 25.12 0.31
C ILE B 210 7.65 25.93 0.13
N LEU B 211 7.43 26.50 -1.04
CA LEU B 211 6.15 27.17 -1.30
C LEU B 211 4.94 26.25 -1.05
N THR B 212 5.00 25.00 -1.51
CA THR B 212 3.86 24.07 -1.28
C THR B 212 3.67 23.81 0.19
N ASN B 213 4.74 23.90 0.96
CA ASN B 213 4.71 23.63 2.38
C ASN B 213 4.13 24.80 3.16
N GLU B 214 4.31 26.02 2.63
CA GLU B 214 4.06 27.22 3.39
C GLU B 214 2.86 27.99 2.91
N VAL B 215 2.42 27.76 1.67
CA VAL B 215 1.33 28.54 1.07
C VAL B 215 0.21 27.62 0.59
N GLU B 216 -0.99 27.79 1.11
CA GLU B 216 -2.09 26.93 0.66
C GLU B 216 -2.48 27.28 -0.78
N GLY B 217 -2.84 26.27 -1.57
CA GLY B 217 -3.26 26.45 -2.94
C GLY B 217 -2.21 26.27 -4.01
N GLU B 219 0.04 23.76 -6.09
CA GLU B 219 -0.13 22.38 -6.45
C GLU B 219 0.85 22.00 -7.54
N TRP B 220 1.58 20.90 -7.34
CA TRP B 220 2.43 20.40 -8.43
C TRP B 220 1.61 19.87 -9.62
N LYS B 221 2.11 20.17 -10.81
CA LYS B 221 1.58 19.68 -12.07
C LYS B 221 2.74 19.31 -12.99
N THR B 222 2.47 18.57 -14.07
CA THR B 222 3.43 18.46 -15.17
C THR B 222 3.02 19.44 -16.27
N LEU B 223 4.00 20.21 -16.73
CA LEU B 223 3.88 21.03 -17.93
C LEU B 223 4.46 20.33 -19.12
N ILE B 224 3.65 20.22 -20.15
CA ILE B 224 4.08 19.68 -21.46
C ILE B 224 4.02 20.88 -22.35
N ASP B 225 5.19 21.41 -22.72
CA ASP B 225 5.31 22.57 -23.62
C ASP B 225 6.31 22.22 -24.71
N GLY B 226 5.78 21.78 -25.83
CA GLY B 226 6.61 21.32 -26.97
C GLY B 226 7.34 20.08 -26.51
N ASN B 227 8.65 20.08 -26.65
CA ASN B 227 9.48 18.99 -26.18
C ASN B 227 9.89 19.11 -24.71
N ARG B 228 9.47 20.20 -24.05
CA ARG B 228 9.80 20.41 -22.66
C ARG B 228 8.71 19.77 -21.77
N GLU B 229 9.14 18.94 -20.82
CA GLU B 229 8.25 18.17 -19.93
C GLU B 229 8.81 18.28 -18.52
N VAL B 230 8.19 19.13 -17.70
CA VAL B 230 8.79 19.54 -16.44
C VAL B 230 7.77 19.66 -15.33
N PRO B 231 8.21 19.53 -14.05
CA PRO B 231 7.33 19.85 -12.92
C PRO B 231 7.23 21.34 -12.72
N VAL B 232 6.00 21.81 -12.52
CA VAL B 232 5.72 23.20 -12.16
C VAL B 232 4.64 23.26 -11.10
N LEU B 233 4.53 24.42 -10.46
CA LEU B 233 3.39 24.68 -9.59
C LEU B 233 2.32 25.47 -10.29
N GLU B 234 1.07 25.13 -9.98
CA GLU B 234 -0.06 25.99 -10.35
C GLU B 234 -0.60 26.65 -9.08
N TYR B 235 -0.92 27.95 -9.17
CA TYR B 235 -1.33 28.73 -8.01
C TYR B 235 -2.12 29.92 -8.49
N GLN B 236 -3.34 30.05 -8.00
CA GLN B 236 -4.17 31.22 -8.32
C GLN B 236 -4.21 31.55 -9.81
N GLY B 237 -4.43 30.50 -10.57
CA GLY B 237 -4.52 30.56 -12.03
C GLY B 237 -3.28 30.89 -12.81
N ARG B 238 -2.11 30.78 -12.18
CA ARG B 238 -0.86 30.95 -12.88
C ARG B 238 0.13 29.83 -12.55
N THR B 239 1.21 29.81 -13.33
CA THR B 239 2.27 28.83 -13.20
C THR B 239 3.48 29.43 -12.53
N ILE B 240 4.08 28.69 -11.59
CA ILE B 240 5.36 29.07 -10.99
C ILE B 240 6.33 27.96 -11.42
N ASP B 241 7.34 28.30 -12.22
CA ASP B 241 8.20 27.31 -12.83
C ASP B 241 9.50 27.29 -12.07
N PRO B 242 9.88 26.14 -11.51
CA PRO B 242 11.22 25.99 -10.91
C PRO B 242 12.39 26.52 -11.72
N LYS B 244 12.49 29.10 -13.55
CA LYS B 244 12.49 30.55 -13.48
C LYS B 244 12.85 31.09 -12.09
N ILE B 245 12.89 30.23 -11.08
CA ILE B 245 13.36 30.65 -9.76
C ILE B 245 14.82 31.06 -9.76
N ALA B 246 15.66 30.25 -10.40
CA ALA B 246 17.10 30.49 -10.35
C ALA B 246 17.78 30.38 -11.71
N TRP B 247 17.58 29.28 -12.43
CA TRP B 247 18.34 29.06 -13.68
C TRP B 247 18.18 30.19 -14.70
N SER B 248 16.96 30.70 -14.89
CA SER B 248 16.73 31.71 -15.91
C SER B 248 17.57 32.97 -15.61
N LYS B 249 17.75 33.24 -14.32
CA LYS B 249 18.55 34.37 -13.88
C LYS B 249 20.02 34.11 -14.07
N VAL B 250 20.49 32.98 -13.53
CA VAL B 250 21.89 32.59 -13.69
C VAL B 250 22.26 32.53 -15.17
N LYS B 251 21.38 31.95 -16.00
CA LYS B 251 21.61 31.87 -17.45
C LYS B 251 21.86 33.26 -18.06
N ALA B 252 21.17 34.26 -17.52
CA ALA B 252 21.24 35.61 -18.01
C ALA B 252 22.37 36.40 -17.32
N GLY B 253 23.23 35.73 -16.56
CA GLY B 253 24.29 36.39 -15.78
C GLY B 253 23.84 37.21 -14.57
N GLN B 254 22.62 36.99 -14.10
CA GLN B 254 22.12 37.72 -12.95
C GLN B 254 22.29 36.89 -11.66
N PRO B 255 22.27 37.55 -10.49
CA PRO B 255 22.40 36.78 -9.25
C PRO B 255 21.10 36.07 -8.90
N CYS B 256 21.22 35.04 -8.08
CA CYS B 256 20.07 34.33 -7.54
CA CYS B 256 20.07 34.34 -7.52
C CYS B 256 19.86 34.81 -6.11
N ASN B 257 18.80 35.60 -5.89
CA ASN B 257 18.37 36.01 -4.57
C ASN B 257 17.16 35.14 -4.24
N ILE B 258 17.38 34.15 -3.41
CA ILE B 258 16.36 33.16 -3.09
C ILE B 258 15.14 33.77 -2.38
N ALA B 259 15.37 34.60 -1.36
CA ALA B 259 14.26 35.23 -0.65
C ALA B 259 13.39 36.03 -1.59
N GLU B 260 14.01 36.74 -2.53
CA GLU B 260 13.24 37.57 -3.46
C GLU B 260 12.44 36.73 -4.39
N ALA B 261 13.07 35.68 -4.92
CA ALA B 261 12.40 34.75 -5.86
C ALA B 261 11.18 34.11 -5.18
N TYR B 262 11.35 33.70 -3.93
CA TYR B 262 10.28 33.09 -3.15
C TYR B 262 9.09 34.03 -2.95
N GLN B 263 9.36 35.24 -2.49
CA GLN B 263 8.27 36.20 -2.25
C GLN B 263 7.60 36.56 -3.58
N SER B 264 8.40 36.75 -4.63
CA SER B 264 7.84 37.12 -5.93
C SER B 264 6.91 36.05 -6.47
N ALA B 265 7.22 34.78 -6.21
CA ALA B 265 6.32 33.69 -6.62
C ALA B 265 4.95 33.86 -5.95
N ILE B 266 4.96 34.27 -4.69
CA ILE B 266 3.73 34.46 -3.93
C ILE B 266 2.92 35.70 -4.33
N ASP B 267 3.58 36.86 -4.36
CA ASP B 267 2.85 38.09 -4.63
C ASP B 267 2.91 38.58 -6.07
N HIS B 268 3.65 37.88 -6.93
CA HIS B 268 3.69 38.21 -8.36
C HIS B 268 4.23 39.64 -8.61
N HIS B 269 5.02 40.15 -7.67
CA HIS B 269 5.73 41.43 -7.81
C HIS B 269 7.22 41.23 -7.58
#